data_3LNY
#
_entry.id   3LNY
#
_cell.length_a   73.965
_cell.length_b   73.965
_cell.length_c   134.056
_cell.angle_alpha   90.00
_cell.angle_beta   90.00
_cell.angle_gamma   120.00
#
_symmetry.space_group_name_H-M   'H 3 2'
#
loop_
_entity.id
_entity.type
_entity.pdbx_description
1 polymer 'Tyrosine-protein phosphatase non-receptor type 13'
2 polymer 'Rap guanine nucleotide exchange factor 6'
3 non-polymer 'THIOCYANATE ION'
4 non-polymer 'SULFATE ION'
5 water water
#
loop_
_entity_poly.entity_id
_entity_poly.type
_entity_poly.pdbx_seq_one_letter_code
_entity_poly.pdbx_strand_id
1 'polypeptide(L)'
;PKPGDIFEVELAKNDNSLGISVTGGVNTSVRHGGIYVKAVIPQGAAESDGRIHKGDRVLAVNGVSLEGATHKQAVETLRN
TGQVVHLLLEKGQSPT
;
A
2 'polypeptide(L)' EQVSAV B
#
loop_
_chem_comp.id
_chem_comp.type
_chem_comp.name
_chem_comp.formula
SCN non-polymer 'THIOCYANATE ION' 'C N S -1'
SO4 non-polymer 'SULFATE ION' 'O4 S -2'
#
# COMPACT_ATOMS: atom_id res chain seq x y z
N PRO A 1 6.04 14.79 -0.79
CA PRO A 1 6.57 14.53 0.57
C PRO A 1 8.03 14.15 0.52
N LYS A 2 8.78 14.36 1.61
N LYS A 2 8.70 14.27 1.69
CA LYS A 2 10.13 13.82 1.68
CA LYS A 2 10.05 13.80 1.87
C LYS A 2 10.06 12.51 2.47
C LYS A 2 10.01 12.42 2.50
N PRO A 3 11.11 11.70 2.37
CA PRO A 3 11.15 10.42 3.09
C PRO A 3 10.82 10.57 4.56
N GLY A 4 9.91 9.72 5.02
CA GLY A 4 9.48 9.74 6.42
C GLY A 4 8.19 10.50 6.65
N ASP A 5 7.78 11.32 5.68
CA ASP A 5 6.58 12.08 5.84
C ASP A 5 5.33 11.21 5.67
N ILE A 6 4.31 11.52 6.45
CA ILE A 6 2.99 10.93 6.27
C ILE A 6 2.29 11.63 5.13
N PHE A 7 1.58 10.86 4.30
CA PHE A 7 0.67 11.43 3.32
C PHE A 7 -0.50 10.51 3.10
N GLU A 8 -1.56 11.05 2.51
CA GLU A 8 -2.76 10.27 2.25
C GLU A 8 -3.20 10.49 0.83
N VAL A 9 -3.86 9.48 0.26
N VAL A 9 -3.91 9.50 0.34
CA VAL A 9 -4.29 9.45 -1.13
CA VAL A 9 -4.54 9.60 -0.94
C VAL A 9 -5.71 8.85 -1.15
C VAL A 9 -5.92 9.00 -0.91
N GLU A 10 -6.68 9.46 -1.89
CA GLU A 10 -7.94 8.81 -2.26
C GLU A 10 -7.69 8.30 -3.67
N LEU A 11 -7.60 6.98 -3.80
CA LEU A 11 -7.22 6.33 -5.04
C LEU A 11 -8.41 5.59 -5.68
N ALA A 12 -8.74 5.90 -6.92
CA ALA A 12 -9.79 5.17 -7.64
C ALA A 12 -9.18 4.00 -8.34
N LYS A 13 -9.79 2.83 -8.19
CA LYS A 13 -9.32 1.62 -8.88
C LYS A 13 -9.45 1.74 -10.39
N ASN A 14 -8.61 0.99 -11.08
CA ASN A 14 -8.74 0.73 -12.52
C ASN A 14 -8.81 -0.74 -12.67
N ASP A 15 -9.72 -1.25 -13.49
CA ASP A 15 -9.80 -2.71 -13.67
C ASP A 15 -9.98 -3.36 -12.30
N ASN A 16 -10.66 -2.70 -11.36
CA ASN A 16 -10.90 -3.23 -9.97
C ASN A 16 -9.62 -3.51 -9.15
N SER A 17 -8.56 -2.78 -9.49
CA SER A 17 -7.24 -2.92 -8.82
C SER A 17 -6.67 -1.56 -8.49
N LEU A 18 -5.97 -1.45 -7.37
CA LEU A 18 -5.20 -0.23 -7.00
C LEU A 18 -3.93 -0.05 -7.84
N GLY A 19 -3.49 -1.08 -8.51
CA GLY A 19 -2.32 -0.93 -9.35
C GLY A 19 -1.02 -0.99 -8.59
N ILE A 20 -1.00 -1.71 -7.45
CA ILE A 20 0.26 -1.90 -6.75
C ILE A 20 0.37 -3.34 -6.33
N SER A 21 1.60 -3.76 -6.13
CA SER A 21 1.84 -5.00 -5.42
C SER A 21 2.48 -4.66 -4.06
N VAL A 22 2.11 -5.45 -3.03
CA VAL A 22 2.60 -5.18 -1.69
C VAL A 22 3.34 -6.36 -1.11
N THR A 23 4.31 -6.05 -0.28
N THR A 23 4.28 -6.04 -0.26
CA THR A 23 5.06 -7.05 0.43
CA THR A 23 5.08 -7.05 0.38
C THR A 23 4.97 -6.78 1.92
C THR A 23 5.10 -6.74 1.88
N GLY A 24 5.34 -7.76 2.72
CA GLY A 24 5.52 -7.54 4.15
C GLY A 24 4.38 -8.05 5.00
N GLY A 25 4.46 -7.78 6.29
CA GLY A 25 3.51 -8.32 7.22
C GLY A 25 4.28 -8.83 8.41
N VAL A 26 3.61 -9.00 9.53
CA VAL A 26 4.29 -9.37 10.76
C VAL A 26 4.95 -10.75 10.65
N ASN A 27 4.51 -11.56 9.70
CA ASN A 27 4.99 -12.92 9.53
C ASN A 27 6.11 -13.07 8.51
N THR A 28 6.57 -11.96 7.94
CA THR A 28 7.60 -12.01 6.88
C THR A 28 8.92 -11.43 7.37
N SER A 29 9.94 -11.48 6.52
CA SER A 29 11.26 -10.96 6.86
C SER A 29 11.46 -9.54 6.31
N VAL A 30 10.40 -8.92 5.81
CA VAL A 30 10.49 -7.56 5.32
C VAL A 30 10.60 -6.57 6.52
N ARG A 31 11.36 -5.48 6.36
CA ARG A 31 11.53 -4.45 7.40
C ARG A 31 10.36 -4.24 8.35
N HIS A 32 10.61 -4.51 9.63
CA HIS A 32 9.67 -4.26 10.71
C HIS A 32 8.36 -5.03 10.64
N GLY A 33 8.17 -5.89 9.66
CA GLY A 33 6.88 -6.53 9.46
C GLY A 33 5.85 -5.61 8.81
N GLY A 34 6.29 -4.42 8.36
CA GLY A 34 5.47 -3.41 7.71
C GLY A 34 4.94 -3.82 6.36
N ILE A 35 3.99 -3.07 5.81
CA ILE A 35 3.38 -3.35 4.50
C ILE A 35 3.93 -2.32 3.54
N TYR A 36 4.68 -2.76 2.52
CA TYR A 36 5.33 -1.85 1.62
C TYR A 36 4.86 -2.06 0.21
N VAL A 37 4.92 -0.98 -0.56
CA VAL A 37 4.68 -1.05 -1.99
C VAL A 37 5.90 -1.65 -2.66
N LYS A 38 5.74 -2.82 -3.28
CA LYS A 38 6.85 -3.51 -3.95
C LYS A 38 7.00 -3.02 -5.41
N ALA A 39 5.88 -2.72 -6.05
CA ALA A 39 5.90 -2.25 -7.43
C ALA A 39 4.63 -1.49 -7.71
N VAL A 40 4.72 -0.60 -8.68
CA VAL A 40 3.61 0.13 -9.21
C VAL A 40 3.37 -0.35 -10.62
N ILE A 41 2.18 -0.85 -10.88
CA ILE A 41 1.83 -1.53 -12.15
C ILE A 41 1.64 -0.53 -13.30
N PRO A 42 2.27 -0.77 -14.45
CA PRO A 42 2.06 0.14 -15.59
C PRO A 42 0.61 0.32 -15.96
N GLN A 43 0.25 1.58 -16.21
CA GLN A 43 -1.10 2.02 -16.57
C GLN A 43 -2.13 1.86 -15.47
N GLY A 44 -1.70 1.45 -14.27
CA GLY A 44 -2.66 1.24 -13.20
C GLY A 44 -2.94 2.51 -12.46
N ALA A 45 -3.82 2.41 -11.48
CA ALA A 45 -4.33 3.55 -10.75
C ALA A 45 -3.20 4.30 -10.04
N ALA A 46 -2.38 3.58 -9.28
CA ALA A 46 -1.32 4.23 -8.52
C ALA A 46 -0.35 4.97 -9.44
N GLU A 47 0.03 4.34 -10.53
CA GLU A 47 0.92 5.00 -11.47
C GLU A 47 0.36 6.28 -12.04
N SER A 48 -0.88 6.21 -12.47
CA SER A 48 -1.52 7.35 -13.11
C SER A 48 -1.66 8.51 -12.14
N ASP A 49 -1.98 8.22 -10.89
CA ASP A 49 -2.09 9.22 -9.88
C ASP A 49 -0.73 9.87 -9.55
N GLY A 50 0.30 9.06 -9.47
CA GLY A 50 1.66 9.58 -9.34
C GLY A 50 2.18 9.88 -7.95
N ARG A 51 1.39 9.65 -6.92
CA ARG A 51 1.82 9.92 -5.54
C ARG A 51 2.45 8.75 -4.81
N ILE A 52 2.13 7.52 -5.17
CA ILE A 52 2.65 6.32 -4.52
C ILE A 52 3.74 5.71 -5.35
N HIS A 53 4.81 5.38 -4.69
CA HIS A 53 5.94 4.72 -5.35
C HIS A 53 6.46 3.52 -4.62
N LYS A 54 7.25 2.71 -5.30
CA LYS A 54 7.91 1.59 -4.68
C LYS A 54 8.62 2.07 -3.42
N GLY A 55 8.48 1.31 -2.35
CA GLY A 55 9.14 1.65 -1.09
C GLY A 55 8.28 2.42 -0.10
N ASP A 56 7.17 2.97 -0.55
CA ASP A 56 6.23 3.62 0.36
C ASP A 56 5.62 2.56 1.25
N ARG A 57 5.33 2.93 2.50
N ARG A 57 5.25 2.94 2.46
CA ARG A 57 4.70 2.02 3.45
CA ARG A 57 4.70 2.03 3.43
C ARG A 57 3.24 2.37 3.60
C ARG A 57 3.24 2.36 3.69
N VAL A 58 2.39 1.34 3.61
CA VAL A 58 0.97 1.57 3.80
C VAL A 58 0.66 1.39 5.31
N LEU A 59 0.28 2.52 5.92
N LEU A 59 0.14 2.44 5.94
CA LEU A 59 -0.07 2.58 7.32
CA LEU A 59 -0.14 2.41 7.36
C LEU A 59 -1.49 2.08 7.61
C LEU A 59 -1.56 2.10 7.68
N ALA A 60 -2.46 2.46 6.78
CA ALA A 60 -3.88 2.27 7.06
C ALA A 60 -4.66 2.31 5.76
N VAL A 61 -5.86 1.71 5.83
CA VAL A 61 -6.76 1.61 4.70
C VAL A 61 -8.14 1.96 5.19
N ASN A 62 -8.76 2.99 4.62
CA ASN A 62 -10.15 3.37 4.99
C ASN A 62 -10.27 3.50 6.51
N GLY A 63 -9.25 4.06 7.14
CA GLY A 63 -9.28 4.47 8.55
C GLY A 63 -8.86 3.42 9.51
N VAL A 64 -8.48 2.24 9.03
CA VAL A 64 -8.10 1.11 9.86
C VAL A 64 -6.62 0.80 9.66
N SER A 65 -5.89 0.80 10.77
CA SER A 65 -4.47 0.52 10.75
C SER A 65 -4.12 -0.89 10.25
N LEU A 66 -3.03 -0.98 9.51
CA LEU A 66 -2.48 -2.27 9.12
C LEU A 66 -1.42 -2.78 10.08
N GLU A 67 -1.24 -2.07 11.18
CA GLU A 67 -0.35 -2.62 12.22
C GLU A 67 -0.67 -4.04 12.76
N GLY A 68 0.35 -4.91 12.86
CA GLY A 68 0.14 -6.27 13.32
C GLY A 68 -0.42 -7.18 12.28
N ALA A 69 -0.72 -6.63 11.10
CA ALA A 69 -1.30 -7.47 10.09
C ALA A 69 -0.31 -8.45 9.53
N THR A 70 -0.78 -9.68 9.37
N THR A 70 -0.75 -9.70 9.42
CA THR A 70 -0.10 -10.72 8.61
CA THR A 70 -0.03 -10.66 8.60
C THR A 70 -0.26 -10.37 7.13
C THR A 70 -0.08 -10.17 7.15
N HIS A 71 0.67 -10.82 6.30
CA HIS A 71 0.62 -10.53 4.90
C HIS A 71 -0.82 -10.74 4.38
N LYS A 72 -1.39 -11.89 4.72
CA LYS A 72 -2.69 -12.26 4.19
C LYS A 72 -3.75 -11.30 4.70
N GLN A 73 -3.70 -10.94 5.98
CA GLN A 73 -4.62 -9.95 6.55
C GLN A 73 -4.57 -8.59 5.83
N ALA A 74 -3.37 -8.10 5.56
CA ALA A 74 -3.24 -6.79 4.96
C ALA A 74 -3.74 -6.83 3.55
N VAL A 75 -3.44 -7.92 2.86
CA VAL A 75 -3.88 -8.07 1.48
C VAL A 75 -5.41 -8.11 1.43
N GLU A 76 -6.02 -8.87 2.32
CA GLU A 76 -7.48 -8.89 2.38
C GLU A 76 -8.04 -7.52 2.67
N THR A 77 -7.43 -6.78 3.61
CA THR A 77 -7.92 -5.44 3.92
C THR A 77 -7.89 -4.52 2.68
N LEU A 78 -6.82 -4.62 1.92
CA LEU A 78 -6.63 -3.80 0.72
C LEU A 78 -7.62 -4.19 -0.37
N ARG A 79 -7.94 -5.47 -0.47
CA ARG A 79 -8.86 -5.95 -1.49
C ARG A 79 -10.33 -5.74 -1.16
N ASN A 80 -10.66 -5.80 0.13
CA ASN A 80 -12.02 -5.69 0.64
C ASN A 80 -12.44 -4.23 0.78
N THR A 81 -12.43 -3.56 -0.36
CA THR A 81 -12.60 -2.13 -0.47
C THR A 81 -13.49 -1.82 -1.68
N GLY A 82 -13.99 -0.59 -1.78
CA GLY A 82 -14.79 -0.13 -2.88
C GLY A 82 -13.93 0.42 -4.00
N GLN A 83 -14.57 1.15 -4.88
CA GLN A 83 -13.93 1.68 -6.05
C GLN A 83 -12.96 2.78 -5.80
N VAL A 84 -13.19 3.57 -4.75
N VAL A 84 -13.20 3.60 -4.77
CA VAL A 84 -12.23 4.57 -4.31
CA VAL A 84 -12.23 4.61 -4.37
C VAL A 84 -11.83 4.17 -2.91
C VAL A 84 -11.84 4.38 -2.89
N VAL A 85 -10.53 4.27 -2.65
CA VAL A 85 -9.95 3.79 -1.39
C VAL A 85 -9.09 4.89 -0.77
N HIS A 86 -9.29 5.11 0.52
CA HIS A 86 -8.46 6.06 1.30
C HIS A 86 -7.26 5.29 1.82
N LEU A 87 -6.07 5.74 1.48
CA LEU A 87 -4.84 5.10 1.96
C LEU A 87 -3.98 6.13 2.70
N LEU A 88 -3.39 5.67 3.80
CA LEU A 88 -2.48 6.47 4.61
C LEU A 88 -1.11 5.83 4.46
N LEU A 89 -0.11 6.63 4.11
CA LEU A 89 1.22 6.09 3.76
C LEU A 89 2.33 6.86 4.45
N GLU A 90 3.47 6.22 4.54
CA GLU A 90 4.73 6.90 4.86
C GLU A 90 5.61 6.90 3.61
N LYS A 91 6.11 8.06 3.21
CA LYS A 91 6.99 8.17 2.04
C LYS A 91 8.29 7.42 2.27
N GLY A 92 8.69 6.60 1.30
CA GLY A 92 9.92 5.79 1.37
C GLY A 92 11.11 6.53 0.81
N GLN A 93 12.29 5.94 0.76
CA GLN A 93 13.40 6.61 0.09
C GLN A 93 13.56 6.04 -1.31
N SER A 94 13.64 6.93 -2.30
CA SER A 94 14.00 6.53 -3.66
C SER A 94 15.52 6.45 -3.80
N GLU B 1 9.01 -12.03 1.65
CA GLU B 1 9.20 -12.74 0.38
C GLU B 1 7.87 -12.90 -0.34
N GLN B 2 6.77 -12.66 0.36
CA GLN B 2 5.45 -12.70 -0.23
C GLN B 2 5.08 -11.35 -0.84
N VAL B 3 4.74 -11.40 -2.12
CA VAL B 3 4.32 -10.24 -2.88
C VAL B 3 2.93 -10.54 -3.44
N SER B 4 1.98 -9.62 -3.25
CA SER B 4 0.61 -9.79 -3.69
C SER B 4 0.07 -8.57 -4.41
N ALA B 5 -0.76 -8.84 -5.39
CA ALA B 5 -1.45 -7.83 -6.18
C ALA B 5 -2.67 -7.27 -5.47
N VAL B 6 -2.81 -5.97 -5.43
CA VAL B 6 -4.04 -5.35 -4.88
C VAL B 6 -4.45 -4.20 -5.79
S SCN C . -6.65 5.55 5.64
C SCN C . -6.60 6.54 7.04
N SCN C . -6.51 7.24 8.00
S SO4 D . -11.14 -6.19 6.30
O1 SO4 D . -11.65 -5.08 5.46
O2 SO4 D . -10.81 -7.45 5.57
O3 SO4 D . -9.93 -5.64 6.97
S SO4 E . -14.30 6.73 -9.48
O1 SO4 E . -15.22 7.42 -10.38
O2 SO4 E . -14.11 5.63 -10.43
O3 SO4 E . -12.94 7.23 -9.63
O4 SO4 E . -14.95 7.04 -8.22
#